data_1ZX9
#
_entry.id   1ZX9
#
_cell.length_a   72.538
_cell.length_b   72.538
_cell.length_c   155.387
_cell.angle_alpha   90.00
_cell.angle_beta   90.00
_cell.angle_gamma   90.00
#
_symmetry.space_group_name_H-M   'P 41 21 2'
#
loop_
_entity.id
_entity.type
_entity.pdbx_description
1 polymer 'Mercuric reductase'
2 non-polymer 'FLAVIN-ADENINE DINUCLEOTIDE'
3 water water
#
_entity_poly.entity_id   1
_entity_poly.type   'polypeptide(L)'
_entity_poly.pdbx_seq_one_letter_code
;MEPPVQVAVIGSGGAAMAAALKAVEQGAQVTLIERGTIGGTCVNVGCVPSKIMIRAAHIAHLRRESPFDGGIAATVPTID
RSKLLAQQQARVDELRHAKYEGILGGNPAITVVHGEARFKDDQSLTVRLNEGGERVVMFDRCLVATGASPAVPPIPGLKE
SPYWTSTEALASDTIPERLAVIGSSVVALELAQAFARLGSKVTVLARNTLFFREDPAIGEAVTAAFRAEGIEVLEHTQAS
QVAHMDGEFVLTTTHGELRADKLLVATGRTPNTRSLALDAAGVTVNAQGAIVIDQGMRTSNPNIYAAGDCTDQPQFVYVA
AAAGTRAAINMTGGDAALDLTAMPAVVFTDPQVATVGYSEAEAHHDGIETDSRTLTLDNVPRALANFDTRGFIKLVIEEG
SHRLIGVQAVAPEAGELIQTAALAIRNRMTVQELADQLFPYLTMVEGLKLAAQTFNKDVKQLSCCAG
;
_entity_poly.pdbx_strand_id   A
#
loop_
_chem_comp.id
_chem_comp.type
_chem_comp.name
_chem_comp.formula
FAD non-polymer 'FLAVIN-ADENINE DINUCLEOTIDE' 'C27 H33 N9 O15 P2'
#
# COMPACT_ATOMS: atom_id res chain seq x y z
N PRO A 4 -20.87 -9.43 29.22
CA PRO A 4 -20.66 -8.92 27.85
C PRO A 4 -19.69 -9.83 27.09
N VAL A 5 -19.83 -9.87 25.77
CA VAL A 5 -18.96 -10.69 24.94
C VAL A 5 -17.51 -10.23 25.08
N GLN A 6 -16.64 -11.14 25.49
CA GLN A 6 -15.24 -10.83 25.62
C GLN A 6 -14.56 -10.99 24.27
N VAL A 7 -14.07 -9.89 23.72
CA VAL A 7 -13.41 -9.92 22.42
C VAL A 7 -11.94 -9.54 22.55
N ALA A 8 -11.08 -10.41 22.05
CA ALA A 8 -9.64 -10.15 22.10
C ALA A 8 -9.17 -9.72 20.72
N VAL A 9 -8.41 -8.62 20.66
CA VAL A 9 -7.89 -8.11 19.40
C VAL A 9 -6.37 -7.96 19.47
N ILE A 10 -5.66 -8.69 18.60
CA ILE A 10 -4.19 -8.62 18.58
C ILE A 10 -3.78 -7.62 17.50
N GLY A 11 -3.09 -6.56 17.93
CA GLY A 11 -2.66 -5.53 17.01
C GLY A 11 -3.42 -4.22 17.25
N SER A 12 -2.96 -3.13 16.63
CA SER A 12 -3.62 -1.84 16.79
C SER A 12 -3.55 -1.01 15.50
N GLY A 13 -3.42 -1.70 14.37
CA GLY A 13 -3.37 -1.01 13.10
C GLY A 13 -4.78 -0.76 12.61
N GLY A 14 -4.93 -0.46 11.33
CA GLY A 14 -6.25 -0.20 10.77
C GLY A 14 -7.28 -1.30 10.99
N ALA A 15 -6.88 -2.55 10.80
CA ALA A 15 -7.80 -3.66 11.00
C ALA A 15 -8.24 -3.78 12.47
N ALA A 16 -7.26 -3.81 13.37
CA ALA A 16 -7.54 -3.94 14.79
C ALA A 16 -8.38 -2.79 15.34
N MET A 17 -8.00 -1.56 15.01
CA MET A 17 -8.73 -0.39 15.46
C MET A 17 -10.19 -0.40 15.06
N ALA A 18 -10.45 -0.74 13.80
CA ALA A 18 -11.81 -0.79 13.29
C ALA A 18 -12.63 -1.81 14.07
N ALA A 19 -12.02 -2.96 14.35
CA ALA A 19 -12.69 -4.03 15.08
C ALA A 19 -12.97 -3.63 16.52
N ALA A 20 -11.97 -3.06 17.19
CA ALA A 20 -12.14 -2.65 18.58
C ALA A 20 -13.32 -1.68 18.74
N LEU A 21 -13.31 -0.59 17.97
CA LEU A 21 -14.38 0.39 18.03
C LEU A 21 -15.75 -0.19 17.71
N LYS A 22 -15.79 -1.08 16.71
CA LYS A 22 -17.06 -1.69 16.33
C LYS A 22 -17.55 -2.68 17.38
N ALA A 23 -16.63 -3.47 17.94
CA ALA A 23 -16.98 -4.44 18.97
C ALA A 23 -17.59 -3.72 20.17
N VAL A 24 -16.95 -2.63 20.60
CA VAL A 24 -17.43 -1.86 21.72
C VAL A 24 -18.78 -1.23 21.37
N GLU A 25 -18.91 -0.79 20.12
CA GLU A 25 -20.16 -0.19 19.65
C GLU A 25 -21.27 -1.22 19.80
N GLN A 26 -20.89 -2.50 19.78
CA GLN A 26 -21.85 -3.59 19.91
C GLN A 26 -21.93 -4.14 21.34
N GLY A 27 -21.53 -3.32 22.31
CA GLY A 27 -21.59 -3.70 23.71
C GLY A 27 -20.62 -4.75 24.22
N ALA A 28 -19.60 -5.10 23.44
CA ALA A 28 -18.64 -6.10 23.88
C ALA A 28 -17.48 -5.50 24.67
N GLN A 29 -16.88 -6.32 25.53
CA GLN A 29 -15.73 -5.91 26.34
C GLN A 29 -14.50 -6.22 25.50
N VAL A 30 -13.69 -5.21 25.21
CA VAL A 30 -12.52 -5.42 24.38
C VAL A 30 -11.17 -5.31 25.06
N THR A 31 -10.33 -6.31 24.80
CA THR A 31 -8.97 -6.34 25.33
C THR A 31 -8.10 -6.28 24.09
N LEU A 32 -7.38 -5.18 23.92
CA LEU A 32 -6.52 -5.01 22.76
C LEU A 32 -5.06 -5.13 23.18
N ILE A 33 -4.32 -6.00 22.49
CA ILE A 33 -2.92 -6.22 22.80
C ILE A 33 -1.99 -5.76 21.68
N GLU A 34 -1.07 -4.86 22.03
CA GLU A 34 -0.12 -4.32 21.06
C GLU A 34 1.31 -4.44 21.60
N ARG A 35 2.19 -5.06 20.82
CA ARG A 35 3.58 -5.26 21.24
C ARG A 35 4.46 -4.04 21.04
N GLY A 36 4.12 -3.19 20.08
CA GLY A 36 4.92 -2.02 19.82
C GLY A 36 4.15 -0.71 19.92
N THR A 37 4.37 0.17 18.94
CA THR A 37 3.71 1.46 18.91
C THR A 37 2.23 1.35 18.53
N ILE A 38 1.38 2.09 19.24
CA ILE A 38 -0.05 2.07 18.92
C ILE A 38 -0.21 2.69 17.53
N GLY A 39 -1.15 2.15 16.74
CA GLY A 39 -1.37 2.69 15.41
C GLY A 39 -0.87 1.78 14.29
N GLY A 40 0.09 0.93 14.61
CA GLY A 40 0.59 0.02 13.61
C GLY A 40 1.39 0.65 12.48
N THR A 41 1.30 0.03 11.31
CA THR A 41 2.05 0.46 10.13
C THR A 41 1.70 1.75 9.39
N CYS A 42 0.47 1.85 8.90
CA CYS A 42 0.05 3.02 8.13
C CYS A 42 0.38 4.38 8.71
N VAL A 43 -0.02 4.63 9.95
CA VAL A 43 0.25 5.93 10.56
C VAL A 43 1.70 6.16 10.97
N ASN A 44 2.36 5.10 11.46
CA ASN A 44 3.73 5.20 11.95
C ASN A 44 4.89 5.05 10.97
N VAL A 45 4.87 4.01 10.14
CA VAL A 45 5.97 3.78 9.21
C VAL A 45 5.48 3.42 7.82
N GLY A 46 4.23 3.76 7.52
CA GLY A 46 3.68 3.42 6.23
C GLY A 46 3.09 4.54 5.41
N CYS A 47 1.78 4.46 5.18
CA CYS A 47 1.07 5.45 4.39
C CYS A 47 1.38 6.91 4.70
N VAL A 48 1.15 7.29 5.96
CA VAL A 48 1.36 8.67 6.35
C VAL A 48 2.76 9.24 6.10
N PRO A 49 3.80 8.66 6.71
CA PRO A 49 5.14 9.22 6.45
C PRO A 49 5.58 9.16 4.99
N SER A 50 5.22 8.10 4.28
CA SER A 50 5.59 7.96 2.88
C SER A 50 4.91 9.04 2.01
N LYS A 51 3.62 9.28 2.24
CA LYS A 51 2.91 10.29 1.46
C LYS A 51 3.47 11.69 1.74
N ILE A 52 3.87 11.93 2.98
CA ILE A 52 4.45 13.22 3.34
C ILE A 52 5.77 13.40 2.61
N MET A 53 6.60 12.36 2.59
CA MET A 53 7.89 12.43 1.92
C MET A 53 7.70 12.61 0.41
N ILE A 54 6.66 11.98 -0.13
CA ILE A 54 6.35 12.08 -1.56
C ILE A 54 5.88 13.50 -1.92
N ARG A 55 5.16 14.15 -1.02
CA ARG A 55 4.71 15.50 -1.29
C ARG A 55 5.91 16.44 -1.26
N ALA A 56 6.84 16.22 -0.33
CA ALA A 56 8.03 17.06 -0.26
C ALA A 56 8.82 16.86 -1.55
N ALA A 57 8.87 15.60 -1.99
CA ALA A 57 9.57 15.23 -3.22
C ALA A 57 8.93 15.94 -4.42
N HIS A 58 7.61 16.10 -4.37
CA HIS A 58 6.87 16.74 -5.45
C HIS A 58 7.26 18.22 -5.58
N ILE A 59 7.40 18.89 -4.45
CA ILE A 59 7.79 20.30 -4.45
C ILE A 59 9.23 20.43 -4.94
N ALA A 60 10.12 19.57 -4.45
CA ALA A 60 11.52 19.58 -4.86
C ALA A 60 11.63 19.37 -6.37
N HIS A 61 10.87 18.41 -6.90
CA HIS A 61 10.89 18.11 -8.33
C HIS A 61 10.45 19.30 -9.18
N LEU A 62 9.32 19.91 -8.82
CA LEU A 62 8.83 21.05 -9.57
C LEU A 62 9.74 22.28 -9.47
N ARG A 63 10.55 22.34 -8.42
CA ARG A 63 11.46 23.47 -8.28
C ARG A 63 12.68 23.23 -9.16
N ARG A 64 12.97 21.96 -9.42
CA ARG A 64 14.09 21.56 -10.26
C ARG A 64 13.74 21.59 -11.75
N GLU A 65 12.49 21.29 -12.09
CA GLU A 65 12.10 21.27 -13.50
C GLU A 65 10.59 21.24 -13.74
N SER A 66 10.19 21.65 -14.95
CA SER A 66 8.79 21.67 -15.33
C SER A 66 8.69 21.88 -16.83
N PRO A 67 7.50 21.60 -17.41
CA PRO A 67 7.25 21.77 -18.84
C PRO A 67 7.24 23.25 -19.21
N PHE A 68 7.24 24.12 -18.20
CA PHE A 68 7.22 25.57 -18.42
C PHE A 68 8.57 26.24 -18.17
N ASP A 69 9.65 25.46 -18.14
CA ASP A 69 10.96 26.05 -17.87
C ASP A 69 11.44 27.05 -18.92
N GLY A 70 10.79 27.07 -20.09
CA GLY A 70 11.19 28.02 -21.10
C GLY A 70 10.92 29.44 -20.62
N GLY A 71 9.86 29.62 -19.83
CA GLY A 71 9.52 30.95 -19.35
C GLY A 71 9.59 31.14 -17.83
N ILE A 72 9.88 30.07 -17.09
CA ILE A 72 9.99 30.17 -15.64
C ILE A 72 11.30 29.49 -15.23
N ALA A 73 12.20 30.27 -14.65
CA ALA A 73 13.50 29.73 -14.23
C ALA A 73 13.37 28.68 -13.13
N ALA A 74 14.18 27.64 -13.24
CA ALA A 74 14.20 26.56 -12.27
C ALA A 74 15.56 26.60 -11.55
N THR A 75 15.63 26.04 -10.36
CA THR A 75 16.88 26.03 -9.61
C THR A 75 16.97 24.76 -8.78
N VAL A 76 18.17 24.20 -8.67
CA VAL A 76 18.39 23.00 -7.88
C VAL A 76 18.12 23.42 -6.44
N PRO A 77 17.00 22.96 -5.86
CA PRO A 77 16.67 23.34 -4.48
C PRO A 77 17.59 22.75 -3.42
N THR A 78 17.97 23.56 -2.44
CA THR A 78 18.80 23.09 -1.34
C THR A 78 17.86 22.32 -0.42
N ILE A 79 18.22 21.08 -0.12
CA ILE A 79 17.40 20.21 0.70
C ILE A 79 17.99 19.96 2.08
N ASP A 80 17.18 20.14 3.13
CA ASP A 80 17.64 19.86 4.49
C ASP A 80 16.72 18.73 4.96
N ARG A 81 17.15 17.50 4.69
CA ARG A 81 16.37 16.32 5.05
C ARG A 81 16.11 16.22 6.55
N SER A 82 17.04 16.70 7.36
CA SER A 82 16.85 16.65 8.81
C SER A 82 15.62 17.46 9.23
N LYS A 83 15.45 18.64 8.63
CA LYS A 83 14.31 19.48 8.96
C LYS A 83 13.05 18.85 8.39
N LEU A 84 13.14 18.30 7.18
CA LEU A 84 11.99 17.65 6.58
C LEU A 84 11.54 16.48 7.47
N LEU A 85 12.51 15.69 7.93
CA LEU A 85 12.22 14.55 8.79
C LEU A 85 11.51 14.99 10.06
N ALA A 86 12.02 16.06 10.68
CA ALA A 86 11.42 16.57 11.91
C ALA A 86 9.95 16.96 11.69
N GLN A 87 9.68 17.65 10.59
CA GLN A 87 8.32 18.07 10.27
C GLN A 87 7.42 16.86 10.03
N GLN A 88 7.98 15.88 9.34
CA GLN A 88 7.28 14.65 9.01
C GLN A 88 6.90 13.89 10.28
N GLN A 89 7.87 13.72 11.18
CA GLN A 89 7.62 13.00 12.42
C GLN A 89 6.58 13.70 13.31
N ALA A 90 6.65 15.03 13.40
CA ALA A 90 5.68 15.78 14.22
C ALA A 90 4.25 15.53 13.74
N ARG A 91 4.07 15.47 12.43
CA ARG A 91 2.76 15.22 11.86
C ARG A 91 2.32 13.78 12.15
N VAL A 92 3.26 12.85 12.04
CA VAL A 92 2.96 11.45 12.32
C VAL A 92 2.48 11.33 13.78
N ASP A 93 3.26 11.88 14.70
CA ASP A 93 2.92 11.84 16.13
C ASP A 93 1.53 12.41 16.40
N GLU A 94 1.24 13.56 15.79
CA GLU A 94 -0.05 14.21 15.96
C GLU A 94 -1.19 13.29 15.53
N LEU A 95 -1.05 12.65 14.38
CA LEU A 95 -2.09 11.76 13.90
C LEU A 95 -2.22 10.51 14.78
N ARG A 96 -1.10 9.99 15.26
CA ARG A 96 -1.15 8.81 16.12
C ARG A 96 -1.96 9.15 17.37
N HIS A 97 -1.68 10.31 17.97
CA HIS A 97 -2.38 10.75 19.17
C HIS A 97 -3.86 10.96 18.92
N ALA A 98 -4.17 11.74 17.89
CA ALA A 98 -5.54 12.07 17.55
C ALA A 98 -6.48 10.95 17.12
N LYS A 99 -6.05 10.12 16.17
CA LYS A 99 -6.93 9.06 15.67
C LYS A 99 -6.69 7.64 16.16
N TYR A 100 -5.67 7.43 16.98
CA TYR A 100 -5.40 6.10 17.49
C TYR A 100 -5.36 6.07 19.01
N GLU A 101 -4.29 6.59 19.61
CA GLU A 101 -4.19 6.62 21.07
C GLU A 101 -5.38 7.33 21.69
N GLY A 102 -5.64 8.54 21.21
CA GLY A 102 -6.75 9.32 21.73
C GLY A 102 -8.09 8.62 21.61
N ILE A 103 -8.21 7.74 20.61
CA ILE A 103 -9.44 7.01 20.38
C ILE A 103 -9.49 5.77 21.27
N LEU A 104 -8.33 5.16 21.49
CA LEU A 104 -8.24 3.97 22.34
C LEU A 104 -8.51 4.37 23.78
N GLY A 105 -8.07 5.58 24.14
CA GLY A 105 -8.26 6.08 25.48
C GLY A 105 -9.62 6.74 25.63
N GLY A 106 -10.29 6.97 24.51
CA GLY A 106 -11.60 7.60 24.53
C GLY A 106 -12.73 6.61 24.68
N ASN A 107 -12.39 5.35 24.91
CA ASN A 107 -13.38 4.28 25.07
C ASN A 107 -12.91 3.36 26.20
N PRO A 108 -13.24 3.70 27.45
CA PRO A 108 -12.83 2.88 28.60
C PRO A 108 -13.19 1.42 28.42
N ALA A 109 -14.20 1.14 27.60
CA ALA A 109 -14.64 -0.22 27.34
C ALA A 109 -13.51 -1.02 26.69
N ILE A 110 -12.54 -0.32 26.14
CA ILE A 110 -11.39 -0.95 25.49
C ILE A 110 -10.19 -0.97 26.43
N THR A 111 -9.74 -2.16 26.80
CA THR A 111 -8.58 -2.29 27.68
C THR A 111 -7.36 -2.56 26.79
N VAL A 112 -6.35 -1.71 26.89
CA VAL A 112 -5.14 -1.84 26.08
C VAL A 112 -4.00 -2.49 26.85
N VAL A 113 -3.46 -3.57 26.31
CA VAL A 113 -2.36 -4.28 26.92
C VAL A 113 -1.11 -4.19 26.07
N HIS A 114 -0.04 -3.63 26.63
CA HIS A 114 1.22 -3.49 25.92
C HIS A 114 2.10 -4.72 26.11
N GLY A 115 2.07 -5.63 25.14
CA GLY A 115 2.86 -6.83 25.21
C GLY A 115 2.63 -7.67 23.96
N GLU A 116 3.40 -8.75 23.84
CA GLU A 116 3.28 -9.62 22.68
C GLU A 116 2.40 -10.82 23.00
N ALA A 117 1.35 -11.00 22.22
CA ALA A 117 0.41 -12.09 22.44
C ALA A 117 0.66 -13.31 21.56
N ARG A 118 0.27 -14.47 22.07
CA ARG A 118 0.37 -15.73 21.35
C ARG A 118 -0.71 -16.61 21.98
N PHE A 119 -1.30 -17.50 21.19
CA PHE A 119 -2.36 -18.35 21.70
C PHE A 119 -1.83 -19.39 22.68
N LYS A 120 -2.48 -19.47 23.84
CA LYS A 120 -2.14 -20.43 24.87
C LYS A 120 -2.90 -21.71 24.52
N ASP A 121 -4.12 -21.51 24.04
CA ASP A 121 -5.00 -22.60 23.62
C ASP A 121 -6.13 -22.02 22.79
N ASP A 122 -7.15 -22.83 22.49
CA ASP A 122 -8.26 -22.37 21.67
C ASP A 122 -9.22 -21.40 22.34
N GLN A 123 -8.96 -21.04 23.59
CA GLN A 123 -9.85 -20.12 24.29
C GLN A 123 -9.15 -19.00 25.06
N SER A 124 -7.84 -18.89 24.92
CA SER A 124 -7.11 -17.83 25.62
C SER A 124 -5.78 -17.46 24.98
N LEU A 125 -5.24 -16.33 25.40
CA LEU A 125 -3.96 -15.85 24.91
C LEU A 125 -3.00 -15.66 26.07
N THR A 126 -1.72 -15.86 25.79
CA THR A 126 -0.68 -15.64 26.79
C THR A 126 0.03 -14.38 26.29
N VAL A 127 0.13 -13.36 27.13
CA VAL A 127 0.79 -12.13 26.71
C VAL A 127 2.05 -11.85 27.51
N ARG A 128 3.18 -11.71 26.83
CA ARG A 128 4.44 -11.38 27.50
C ARG A 128 4.47 -9.86 27.55
N LEU A 129 4.18 -9.33 28.73
CA LEU A 129 4.16 -7.89 28.94
C LEU A 129 5.50 -7.24 28.63
N ASN A 130 5.46 -6.06 28.04
CA ASN A 130 6.67 -5.32 27.70
C ASN A 130 7.44 -5.03 28.98
N GLU A 131 6.74 -4.61 30.02
CA GLU A 131 7.35 -4.30 31.30
C GLU A 131 7.93 -5.54 31.99
N GLY A 132 7.54 -6.72 31.50
CA GLY A 132 8.01 -7.96 32.08
C GLY A 132 6.87 -8.73 32.70
N GLY A 133 7.02 -10.05 32.79
CA GLY A 133 5.97 -10.86 33.38
C GLY A 133 4.99 -11.32 32.31
N GLU A 134 3.97 -12.05 32.72
CA GLU A 134 2.98 -12.58 31.79
C GLU A 134 1.55 -12.38 32.28
N ARG A 135 0.62 -12.38 31.33
CA ARG A 135 -0.80 -12.23 31.63
C ARG A 135 -1.60 -13.06 30.62
N VAL A 136 -2.63 -13.74 31.11
CA VAL A 136 -3.47 -14.55 30.26
C VAL A 136 -4.78 -13.83 29.97
N VAL A 137 -5.15 -13.76 28.69
CA VAL A 137 -6.37 -13.10 28.30
C VAL A 137 -7.39 -14.11 27.77
N MET A 138 -8.50 -14.25 28.49
CA MET A 138 -9.56 -15.16 28.09
C MET A 138 -10.39 -14.45 27.03
N PHE A 139 -10.99 -15.22 26.12
CA PHE A 139 -11.82 -14.62 25.09
C PHE A 139 -12.89 -15.57 24.60
N ASP A 140 -13.99 -14.99 24.11
CA ASP A 140 -15.08 -15.76 23.55
C ASP A 140 -14.82 -15.74 22.05
N ARG A 141 -14.29 -14.61 21.60
CA ARG A 141 -13.95 -14.40 20.19
C ARG A 141 -12.63 -13.65 20.14
N CYS A 142 -11.83 -13.92 19.11
CA CYS A 142 -10.54 -13.24 18.97
C CYS A 142 -10.26 -12.87 17.53
N LEU A 143 -9.76 -11.65 17.32
CA LEU A 143 -9.41 -11.19 15.98
C LEU A 143 -7.91 -11.01 15.89
N VAL A 144 -7.29 -11.68 14.92
CA VAL A 144 -5.86 -11.56 14.71
C VAL A 144 -5.64 -10.51 13.61
N ALA A 145 -4.95 -9.42 13.96
CA ALA A 145 -4.68 -8.34 13.00
C ALA A 145 -3.24 -7.89 13.21
N THR A 146 -2.34 -8.85 13.10
CA THR A 146 -0.92 -8.64 13.32
C THR A 146 -0.11 -8.00 12.18
N GLY A 147 -0.76 -7.74 11.05
CA GLY A 147 -0.07 -7.12 9.94
C GLY A 147 1.04 -7.95 9.33
N ALA A 148 1.94 -7.28 8.62
CA ALA A 148 3.07 -7.93 7.95
C ALA A 148 4.38 -7.20 8.23
N SER A 149 5.48 -7.78 7.73
CA SER A 149 6.81 -7.19 7.89
C SER A 149 7.55 -7.26 6.56
N PRO A 150 8.54 -6.37 6.35
CA PRO A 150 9.32 -6.35 5.11
C PRO A 150 10.01 -7.69 4.82
N ALA A 151 9.88 -8.16 3.59
CA ALA A 151 10.50 -9.41 3.18
C ALA A 151 11.98 -9.18 2.92
N VAL A 152 12.80 -10.20 3.15
CA VAL A 152 14.22 -10.08 2.90
C VAL A 152 14.67 -11.20 1.99
N PRO A 153 15.00 -10.87 0.73
CA PRO A 153 15.43 -11.89 -0.22
C PRO A 153 16.74 -12.55 0.22
N PRO A 154 16.90 -13.84 -0.08
CA PRO A 154 18.11 -14.57 0.30
C PRO A 154 19.32 -14.28 -0.59
N ILE A 155 19.66 -13.01 -0.76
CA ILE A 155 20.81 -12.64 -1.57
C ILE A 155 22.06 -12.74 -0.72
N PRO A 156 23.06 -13.53 -1.15
CA PRO A 156 24.30 -13.67 -0.40
C PRO A 156 24.92 -12.33 -0.01
N GLY A 157 25.18 -12.15 1.27
CA GLY A 157 25.78 -10.92 1.76
C GLY A 157 24.81 -9.83 2.18
N LEU A 158 23.54 -9.94 1.77
CA LEU A 158 22.56 -8.91 2.12
C LEU A 158 22.23 -8.87 3.62
N LYS A 159 22.08 -10.05 4.22
CA LYS A 159 21.75 -10.18 5.63
C LYS A 159 22.76 -9.49 6.56
N GLU A 160 24.04 -9.51 6.19
CA GLU A 160 25.06 -8.89 7.03
C GLU A 160 25.42 -7.45 6.71
N SER A 161 24.71 -6.83 5.77
CA SER A 161 24.98 -5.45 5.42
C SER A 161 23.91 -4.60 6.10
N PRO A 162 24.18 -3.30 6.31
CA PRO A 162 23.22 -2.40 6.96
C PRO A 162 22.20 -1.83 5.98
N TYR A 163 21.51 -2.70 5.26
CA TYR A 163 20.53 -2.28 4.26
C TYR A 163 19.30 -1.66 4.92
N TRP A 164 18.49 -0.98 4.10
CA TRP A 164 17.27 -0.36 4.57
C TRP A 164 16.02 -1.13 4.14
N THR A 165 14.99 -1.05 4.96
CA THR A 165 13.69 -1.60 4.59
C THR A 165 12.96 -0.25 4.53
N SER A 166 11.69 -0.23 4.13
CA SER A 166 10.98 1.04 4.05
C SER A 166 11.01 1.83 5.37
N THR A 167 11.04 1.12 6.49
CA THR A 167 11.06 1.78 7.79
C THR A 167 12.31 2.66 7.99
N GLU A 168 13.48 2.10 7.69
CA GLU A 168 14.72 2.86 7.84
C GLU A 168 14.82 3.99 6.82
N ALA A 169 14.30 3.77 5.62
CA ALA A 169 14.35 4.79 4.58
C ALA A 169 13.50 6.01 4.96
N LEU A 170 12.31 5.75 5.47
CA LEU A 170 11.40 6.81 5.87
C LEU A 170 11.94 7.60 7.08
N ALA A 171 12.70 6.95 7.93
CA ALA A 171 13.28 7.58 9.12
C ALA A 171 14.68 8.15 8.90
N SER A 172 15.17 8.06 7.66
CA SER A 172 16.51 8.56 7.35
C SER A 172 16.60 10.07 7.50
N ASP A 173 17.66 10.56 8.15
CA ASP A 173 17.81 11.99 8.35
C ASP A 173 18.66 12.64 7.25
N THR A 174 19.12 11.83 6.30
CA THR A 174 19.93 12.34 5.19
C THR A 174 19.48 11.76 3.85
N ILE A 175 19.81 12.47 2.77
CA ILE A 175 19.48 12.01 1.42
C ILE A 175 20.76 11.37 0.89
N PRO A 176 20.75 10.05 0.64
CA PRO A 176 21.95 9.41 0.12
C PRO A 176 22.31 9.94 -1.26
N GLU A 177 23.59 10.05 -1.56
CA GLU A 177 24.01 10.54 -2.88
C GLU A 177 23.56 9.53 -3.96
N ARG A 178 23.71 8.25 -3.64
CA ARG A 178 23.32 7.17 -4.54
C ARG A 178 22.49 6.16 -3.76
N LEU A 179 21.34 5.79 -4.31
CA LEU A 179 20.47 4.82 -3.65
C LEU A 179 20.09 3.70 -4.61
N ALA A 180 20.41 2.47 -4.22
CA ALA A 180 20.07 1.30 -5.03
C ALA A 180 18.78 0.76 -4.42
N VAL A 181 17.86 0.33 -5.25
CA VAL A 181 16.60 -0.20 -4.74
C VAL A 181 16.32 -1.58 -5.34
N ILE A 182 16.15 -2.56 -4.48
CA ILE A 182 15.84 -3.90 -4.94
C ILE A 182 14.35 -4.12 -4.71
N GLY A 183 13.62 -4.24 -5.82
CA GLY A 183 12.18 -4.43 -5.73
C GLY A 183 11.53 -3.62 -6.83
N SER A 184 10.28 -3.93 -7.13
CA SER A 184 9.55 -3.24 -8.19
C SER A 184 8.09 -3.16 -7.81
N SER A 185 7.85 -3.18 -6.50
CA SER A 185 6.52 -3.13 -5.91
C SER A 185 6.09 -1.70 -5.62
N VAL A 186 4.86 -1.55 -5.14
CA VAL A 186 4.33 -0.23 -4.81
C VAL A 186 5.28 0.52 -3.86
N VAL A 187 5.68 -0.13 -2.77
CA VAL A 187 6.56 0.51 -1.80
C VAL A 187 7.91 0.91 -2.40
N ALA A 188 8.52 -0.04 -3.10
CA ALA A 188 9.82 0.19 -3.73
C ALA A 188 9.80 1.40 -4.67
N LEU A 189 8.82 1.45 -5.55
CA LEU A 189 8.73 2.53 -6.53
C LEU A 189 8.33 3.88 -5.90
N GLU A 190 7.41 3.87 -4.95
CA GLU A 190 7.02 5.14 -4.32
C GLU A 190 8.24 5.77 -3.67
N LEU A 191 9.03 4.99 -2.96
CA LEU A 191 10.21 5.53 -2.29
C LEU A 191 11.34 5.83 -3.25
N ALA A 192 11.49 5.01 -4.29
CA ALA A 192 12.55 5.23 -5.27
C ALA A 192 12.41 6.62 -5.88
N GLN A 193 11.20 6.97 -6.32
CA GLN A 193 10.98 8.27 -6.93
C GLN A 193 11.08 9.39 -5.89
N ALA A 194 10.61 9.13 -4.67
CA ALA A 194 10.68 10.18 -3.64
C ALA A 194 12.14 10.57 -3.37
N PHE A 195 13.00 9.59 -3.14
CA PHE A 195 14.41 9.87 -2.88
C PHE A 195 15.11 10.52 -4.07
N ALA A 196 14.80 10.04 -5.28
CA ALA A 196 15.41 10.60 -6.49
C ALA A 196 15.11 12.10 -6.56
N ARG A 197 13.83 12.45 -6.37
CA ARG A 197 13.42 13.84 -6.42
C ARG A 197 14.03 14.67 -5.30
N LEU A 198 14.33 14.03 -4.17
CA LEU A 198 14.95 14.76 -3.06
C LEU A 198 16.46 14.89 -3.22
N GLY A 199 17.00 14.36 -4.33
CA GLY A 199 18.43 14.49 -4.58
C GLY A 199 19.27 13.25 -4.86
N SER A 200 18.76 12.06 -4.58
CA SER A 200 19.52 10.84 -4.80
C SER A 200 19.58 10.40 -6.25
N LYS A 201 20.68 9.73 -6.60
CA LYS A 201 20.83 9.16 -7.94
C LYS A 201 20.34 7.75 -7.66
N VAL A 202 19.13 7.45 -8.14
CA VAL A 202 18.50 6.17 -7.90
C VAL A 202 18.55 5.16 -9.05
N THR A 203 18.83 3.92 -8.68
CA THR A 203 18.88 2.81 -9.62
C THR A 203 17.96 1.72 -9.07
N VAL A 204 16.94 1.36 -9.83
CA VAL A 204 16.00 0.33 -9.40
C VAL A 204 16.29 -1.01 -10.08
N LEU A 205 16.36 -2.08 -9.29
CA LEU A 205 16.60 -3.41 -9.81
C LEU A 205 15.30 -4.21 -9.73
N ALA A 206 14.68 -4.43 -10.87
CA ALA A 206 13.42 -5.17 -10.93
C ALA A 206 13.70 -6.54 -11.54
N ARG A 207 13.28 -7.59 -10.82
CA ARG A 207 13.47 -8.96 -11.27
C ARG A 207 12.92 -9.17 -12.67
N ASN A 208 11.76 -8.58 -12.93
CA ASN A 208 11.13 -8.67 -14.24
C ASN A 208 10.89 -7.25 -14.76
N THR A 209 9.64 -6.83 -14.80
CA THR A 209 9.29 -5.48 -15.25
C THR A 209 8.53 -4.81 -14.11
N LEU A 210 8.39 -3.48 -14.15
CA LEU A 210 7.68 -2.80 -13.09
C LEU A 210 6.20 -3.20 -13.10
N PHE A 211 5.62 -3.33 -11.91
CA PHE A 211 4.24 -3.73 -11.75
C PHE A 211 3.95 -4.98 -12.56
N PHE A 212 4.82 -5.96 -12.37
CA PHE A 212 4.74 -7.24 -13.05
C PHE A 212 3.38 -7.92 -12.93
N ARG A 213 2.67 -7.71 -11.83
CA ARG A 213 1.36 -8.35 -11.67
C ARG A 213 0.20 -7.55 -12.28
N GLU A 214 0.47 -6.33 -12.72
CA GLU A 214 -0.57 -5.48 -13.31
C GLU A 214 -0.52 -5.49 -14.84
N ASP A 215 -1.52 -4.87 -15.46
CA ASP A 215 -1.60 -4.75 -16.91
C ASP A 215 -0.27 -4.12 -17.32
N PRO A 216 0.42 -4.68 -18.33
CA PRO A 216 1.71 -4.16 -18.79
C PRO A 216 1.80 -2.69 -19.19
N ALA A 217 0.69 -2.06 -19.58
CA ALA A 217 0.74 -0.65 -19.96
C ALA A 217 1.17 0.20 -18.76
N ILE A 218 0.85 -0.28 -17.56
CA ILE A 218 1.19 0.44 -16.33
C ILE A 218 2.70 0.51 -16.12
N GLY A 219 3.35 -0.64 -16.13
CA GLY A 219 4.79 -0.66 -15.92
C GLY A 219 5.53 0.13 -17.00
N GLU A 220 4.96 0.15 -18.20
CA GLU A 220 5.56 0.87 -19.32
C GLU A 220 5.51 2.38 -19.10
N ALA A 221 4.35 2.88 -18.67
CA ALA A 221 4.21 4.31 -18.42
C ALA A 221 5.08 4.77 -17.26
N VAL A 222 5.07 3.98 -16.17
CA VAL A 222 5.86 4.33 -14.99
C VAL A 222 7.36 4.28 -15.29
N THR A 223 7.78 3.26 -16.04
CA THR A 223 9.18 3.12 -16.41
C THR A 223 9.64 4.34 -17.20
N ALA A 224 8.84 4.73 -18.20
CA ALA A 224 9.17 5.88 -19.03
C ALA A 224 9.23 7.15 -18.19
N ALA A 225 8.30 7.28 -17.25
CA ALA A 225 8.26 8.44 -16.36
C ALA A 225 9.54 8.52 -15.55
N PHE A 226 9.91 7.40 -14.93
CA PHE A 226 11.11 7.34 -14.10
C PHE A 226 12.37 7.71 -14.87
N ARG A 227 12.52 7.16 -16.06
CA ARG A 227 13.69 7.45 -16.86
C ARG A 227 13.72 8.89 -17.36
N ALA A 228 12.55 9.45 -17.63
CA ALA A 228 12.48 10.83 -18.09
C ALA A 228 13.02 11.80 -17.04
N GLU A 229 13.03 11.39 -15.77
CA GLU A 229 13.59 12.29 -14.74
C GLU A 229 14.91 11.82 -14.15
N GLY A 230 15.60 10.94 -14.87
CA GLY A 230 16.90 10.49 -14.42
C GLY A 230 17.02 9.26 -13.55
N ILE A 231 15.91 8.57 -13.31
CA ILE A 231 15.95 7.35 -12.50
C ILE A 231 16.28 6.18 -13.41
N GLU A 232 17.30 5.40 -13.04
CA GLU A 232 17.74 4.24 -13.81
C GLU A 232 16.86 3.05 -13.44
N VAL A 233 16.22 2.45 -14.43
CA VAL A 233 15.38 1.29 -14.19
C VAL A 233 15.97 0.08 -14.90
N LEU A 234 16.53 -0.84 -14.12
CA LEU A 234 17.14 -2.05 -14.68
C LEU A 234 16.16 -3.22 -14.66
N GLU A 235 15.52 -3.47 -15.80
CA GLU A 235 14.56 -4.55 -15.94
C GLU A 235 15.27 -5.90 -16.07
N HIS A 236 14.58 -6.97 -15.70
CA HIS A 236 15.13 -8.33 -15.77
C HIS A 236 16.53 -8.35 -15.19
N THR A 237 16.67 -7.72 -14.03
CA THR A 237 17.95 -7.61 -13.35
C THR A 237 17.85 -8.05 -11.90
N GLN A 238 18.92 -8.70 -11.42
CA GLN A 238 18.96 -9.14 -10.05
C GLN A 238 20.38 -8.97 -9.51
N ALA A 239 20.48 -8.88 -8.19
CA ALA A 239 21.77 -8.75 -7.51
C ALA A 239 22.09 -10.15 -7.00
N SER A 240 23.26 -10.66 -7.36
CA SER A 240 23.67 -12.00 -6.92
C SER A 240 24.53 -11.93 -5.67
N GLN A 241 25.01 -10.73 -5.36
CA GLN A 241 25.87 -10.56 -4.19
C GLN A 241 25.83 -9.14 -3.69
N VAL A 242 25.79 -8.98 -2.37
CA VAL A 242 25.78 -7.67 -1.74
C VAL A 242 26.93 -7.64 -0.74
N ALA A 243 27.71 -6.58 -0.81
CA ALA A 243 28.84 -6.39 0.10
C ALA A 243 28.79 -4.94 0.55
N HIS A 244 29.45 -4.64 1.67
CA HIS A 244 29.49 -3.28 2.18
C HIS A 244 30.87 -3.01 2.74
N MET A 245 31.55 -2.01 2.17
CA MET A 245 32.89 -1.64 2.61
C MET A 245 33.14 -0.17 2.32
N ASP A 246 33.98 0.45 3.13
CA ASP A 246 34.33 1.85 2.97
C ASP A 246 33.15 2.80 2.80
N GLY A 247 32.12 2.61 3.61
CA GLY A 247 30.95 3.46 3.55
C GLY A 247 30.01 3.31 2.37
N GLU A 248 30.18 2.26 1.57
CA GLU A 248 29.29 2.06 0.43
C GLU A 248 28.93 0.60 0.18
N PHE A 249 27.78 0.39 -0.46
CA PHE A 249 27.32 -0.95 -0.81
C PHE A 249 27.90 -1.27 -2.19
N VAL A 250 28.26 -2.53 -2.39
CA VAL A 250 28.77 -2.98 -3.67
C VAL A 250 27.90 -4.16 -4.10
N LEU A 251 27.13 -3.99 -5.16
CA LEU A 251 26.26 -5.05 -5.63
C LEU A 251 26.74 -5.66 -6.95
N THR A 252 26.72 -6.97 -7.02
CA THR A 252 27.09 -7.69 -8.24
C THR A 252 25.74 -7.90 -8.91
N THR A 253 25.57 -7.36 -10.11
CA THR A 253 24.28 -7.45 -10.80
C THR A 253 24.37 -7.93 -12.24
N THR A 254 23.23 -8.20 -12.86
CA THR A 254 23.23 -8.65 -14.24
C THR A 254 23.81 -7.55 -15.13
N HIS A 255 23.72 -6.31 -14.66
CA HIS A 255 24.26 -5.17 -15.41
C HIS A 255 25.63 -4.75 -14.88
N GLY A 256 26.34 -5.69 -14.25
CA GLY A 256 27.66 -5.39 -13.73
C GLY A 256 27.68 -4.91 -12.29
N GLU A 257 28.79 -4.31 -11.89
CA GLU A 257 28.91 -3.83 -10.52
C GLU A 257 28.20 -2.50 -10.32
N LEU A 258 27.35 -2.45 -9.29
CA LEU A 258 26.63 -1.23 -8.96
C LEU A 258 27.02 -0.82 -7.55
N ARG A 259 27.35 0.45 -7.37
CA ARG A 259 27.74 0.96 -6.05
C ARG A 259 26.77 2.06 -5.62
N ALA A 260 26.48 2.11 -4.33
CA ALA A 260 25.57 3.12 -3.79
C ALA A 260 25.84 3.33 -2.32
N ASP A 261 25.48 4.49 -1.81
CA ASP A 261 25.69 4.79 -0.40
C ASP A 261 24.67 4.10 0.51
N LYS A 262 23.46 3.91 -0.01
CA LYS A 262 22.41 3.24 0.75
C LYS A 262 21.67 2.23 -0.14
N LEU A 263 21.13 1.20 0.48
CA LEU A 263 20.40 0.16 -0.24
C LEU A 263 19.02 -0.09 0.35
N LEU A 264 17.99 0.13 -0.46
CA LEU A 264 16.62 -0.12 -0.02
C LEU A 264 16.14 -1.46 -0.56
N VAL A 265 15.65 -2.31 0.33
CA VAL A 265 15.12 -3.62 -0.03
C VAL A 265 13.61 -3.55 0.18
N ALA A 266 12.84 -3.65 -0.91
CA ALA A 266 11.38 -3.58 -0.82
C ALA A 266 10.79 -4.56 -1.84
N THR A 267 10.90 -5.85 -1.51
CA THR A 267 10.44 -6.93 -2.36
C THR A 267 9.12 -7.55 -1.92
N GLY A 268 8.46 -6.95 -0.93
CA GLY A 268 7.20 -7.51 -0.46
C GLY A 268 7.13 -7.55 1.05
N ARG A 269 5.96 -7.90 1.57
CA ARG A 269 5.74 -7.95 3.01
C ARG A 269 5.10 -9.28 3.40
N THR A 270 5.72 -9.98 4.34
CA THR A 270 5.21 -11.28 4.80
C THR A 270 4.42 -11.16 6.10
N PRO A 271 3.27 -11.85 6.20
CA PRO A 271 2.45 -11.80 7.41
C PRO A 271 3.18 -12.13 8.70
N ASN A 272 2.82 -11.44 9.78
CA ASN A 272 3.42 -11.65 11.09
C ASN A 272 2.64 -12.72 11.83
N THR A 273 3.07 -13.97 11.73
CA THR A 273 2.34 -15.04 12.40
C THR A 273 3.18 -16.03 13.20
N ARG A 274 4.50 -15.88 13.21
CA ARG A 274 5.34 -16.81 13.95
C ARG A 274 5.22 -16.70 15.47
N SER A 275 5.15 -15.49 16.00
CA SER A 275 5.04 -15.31 17.44
C SER A 275 3.62 -15.54 17.94
N LEU A 276 2.78 -16.19 17.12
CA LEU A 276 1.39 -16.42 17.49
C LEU A 276 1.01 -17.83 17.96
N ALA A 277 1.83 -18.83 17.64
CA ALA A 277 1.54 -20.20 18.03
C ALA A 277 0.13 -20.55 17.54
N LEU A 278 -0.15 -20.18 16.29
CA LEU A 278 -1.45 -20.43 15.67
C LEU A 278 -1.88 -21.89 15.75
N ASP A 279 -0.92 -22.80 15.76
CA ASP A 279 -1.22 -24.23 15.84
C ASP A 279 -1.96 -24.59 17.12
N ALA A 280 -1.64 -23.89 18.20
CA ALA A 280 -2.26 -24.13 19.49
C ALA A 280 -3.76 -23.85 19.50
N ALA A 281 -4.22 -23.02 18.56
CA ALA A 281 -5.64 -22.68 18.49
C ALA A 281 -6.34 -23.16 17.23
N GLY A 282 -5.68 -24.04 16.47
CA GLY A 282 -6.28 -24.56 15.26
C GLY A 282 -6.55 -23.57 14.14
N VAL A 283 -5.64 -22.60 13.97
CA VAL A 283 -5.77 -21.60 12.91
C VAL A 283 -4.80 -21.93 11.79
N THR A 284 -5.34 -22.22 10.61
CA THR A 284 -4.55 -22.59 9.44
C THR A 284 -3.97 -21.40 8.68
N VAL A 285 -2.77 -21.59 8.13
CA VAL A 285 -2.08 -20.58 7.34
C VAL A 285 -1.68 -21.22 6.01
N ASN A 286 -1.67 -20.44 4.93
CA ASN A 286 -1.29 -20.97 3.63
C ASN A 286 0.23 -21.03 3.49
N ALA A 287 0.69 -21.30 2.28
CA ALA A 287 2.12 -21.39 2.01
C ALA A 287 2.89 -20.13 2.39
N GLN A 288 2.36 -18.97 2.01
CA GLN A 288 3.01 -17.69 2.30
C GLN A 288 3.04 -17.34 3.79
N GLY A 289 2.25 -18.05 4.58
CA GLY A 289 2.20 -17.76 6.01
C GLY A 289 1.00 -16.90 6.36
N ALA A 290 0.18 -16.62 5.34
CA ALA A 290 -1.01 -15.80 5.53
C ALA A 290 -2.13 -16.62 6.17
N ILE A 291 -2.77 -16.06 7.19
CA ILE A 291 -3.87 -16.75 7.85
C ILE A 291 -5.04 -16.87 6.88
N VAL A 292 -5.49 -18.11 6.67
CA VAL A 292 -6.60 -18.39 5.76
C VAL A 292 -7.92 -17.94 6.37
N ILE A 293 -8.70 -17.18 5.60
CA ILE A 293 -9.98 -16.69 6.07
C ILE A 293 -11.05 -16.75 4.99
N ASP A 294 -12.31 -16.72 5.40
CA ASP A 294 -13.40 -16.75 4.43
C ASP A 294 -13.94 -15.33 4.23
N GLN A 295 -15.07 -15.23 3.55
CA GLN A 295 -15.72 -13.96 3.25
C GLN A 295 -16.04 -13.11 4.47
N GLY A 296 -16.22 -13.77 5.62
CA GLY A 296 -16.53 -13.06 6.84
C GLY A 296 -15.35 -12.97 7.81
N MET A 297 -14.14 -13.11 7.27
CA MET A 297 -12.92 -13.03 8.08
C MET A 297 -12.72 -14.16 9.09
N ARG A 298 -13.51 -15.22 8.97
CA ARG A 298 -13.39 -16.37 9.87
C ARG A 298 -12.22 -17.28 9.51
N THR A 299 -11.49 -17.73 10.52
CA THR A 299 -10.36 -18.63 10.32
C THR A 299 -10.89 -20.07 10.47
N SER A 300 -10.00 -21.05 10.35
CA SER A 300 -10.39 -22.45 10.50
C SER A 300 -10.99 -22.68 11.89
N ASN A 301 -10.72 -21.78 12.81
CA ASN A 301 -11.26 -21.84 14.16
C ASN A 301 -12.36 -20.77 14.24
N PRO A 302 -13.63 -21.15 13.97
CA PRO A 302 -14.80 -20.26 13.99
C PRO A 302 -14.83 -19.16 15.05
N ASN A 303 -14.20 -19.39 16.20
CA ASN A 303 -14.18 -18.37 17.25
C ASN A 303 -13.06 -17.36 17.03
N ILE A 304 -12.17 -17.65 16.09
CA ILE A 304 -11.05 -16.75 15.79
C ILE A 304 -11.15 -16.21 14.37
N TYR A 305 -10.95 -14.90 14.23
CA TYR A 305 -11.01 -14.23 12.93
C TYR A 305 -9.68 -13.58 12.65
N ALA A 306 -9.46 -13.23 11.38
CA ALA A 306 -8.22 -12.57 10.99
C ALA A 306 -8.55 -11.51 9.95
N ALA A 307 -7.81 -10.41 9.95
CA ALA A 307 -8.04 -9.35 9.00
C ALA A 307 -6.78 -8.50 8.76
N GLY A 308 -6.71 -7.88 7.59
CA GLY A 308 -5.57 -7.04 7.28
C GLY A 308 -4.39 -7.76 6.66
N ASP A 309 -3.22 -7.15 6.77
CA ASP A 309 -1.99 -7.68 6.20
C ASP A 309 -1.51 -9.06 6.67
N CYS A 310 -2.09 -9.60 7.74
CA CYS A 310 -1.67 -10.93 8.19
C CYS A 310 -2.43 -12.00 7.41
N THR A 311 -3.40 -11.58 6.61
CA THR A 311 -4.18 -12.48 5.76
C THR A 311 -3.70 -12.28 4.33
N ASP A 312 -4.36 -12.87 3.35
CA ASP A 312 -3.93 -12.71 1.96
C ASP A 312 -4.63 -11.54 1.28
N GLN A 313 -5.40 -10.79 2.06
CA GLN A 313 -6.15 -9.65 1.52
C GLN A 313 -5.23 -8.58 0.96
N PRO A 314 -5.75 -7.76 0.02
CA PRO A 314 -4.95 -6.68 -0.58
C PRO A 314 -4.40 -5.83 0.56
N GLN A 315 -3.13 -5.45 0.49
CA GLN A 315 -2.54 -4.65 1.56
C GLN A 315 -2.73 -3.15 1.47
N PHE A 316 -3.91 -2.71 1.88
CA PHE A 316 -4.27 -1.30 1.92
C PHE A 316 -4.94 -1.10 3.26
N VAL A 317 -4.70 0.05 3.89
CA VAL A 317 -5.28 0.30 5.20
C VAL A 317 -6.82 0.33 5.17
N TYR A 318 -7.42 0.82 4.08
CA TYR A 318 -8.87 0.87 4.00
C TYR A 318 -9.49 -0.51 3.78
N VAL A 319 -8.69 -1.46 3.30
CA VAL A 319 -9.18 -2.82 3.10
C VAL A 319 -9.09 -3.48 4.48
N ALA A 320 -8.01 -3.19 5.20
CA ALA A 320 -7.78 -3.74 6.52
C ALA A 320 -8.85 -3.25 7.51
N ALA A 321 -9.15 -1.95 7.45
CA ALA A 321 -10.15 -1.36 8.33
C ALA A 321 -11.53 -1.94 8.01
N ALA A 322 -11.84 -2.05 6.73
CA ALA A 322 -13.13 -2.61 6.31
C ALA A 322 -13.25 -4.05 6.77
N ALA A 323 -12.14 -4.78 6.74
CA ALA A 323 -12.12 -6.17 7.16
C ALA A 323 -12.36 -6.28 8.67
N GLY A 324 -11.70 -5.40 9.44
CA GLY A 324 -11.87 -5.43 10.88
C GLY A 324 -13.27 -5.09 11.37
N THR A 325 -13.87 -4.07 10.76
CA THR A 325 -15.22 -3.64 11.12
C THR A 325 -16.20 -4.79 10.96
N ARG A 326 -16.12 -5.46 9.81
CA ARG A 326 -16.99 -6.59 9.52
C ARG A 326 -16.68 -7.78 10.42
N ALA A 327 -15.40 -7.95 10.75
CA ALA A 327 -14.99 -9.04 11.62
C ALA A 327 -15.66 -8.82 12.98
N ALA A 328 -15.64 -7.57 13.44
CA ALA A 328 -16.24 -7.22 14.73
C ALA A 328 -17.74 -7.48 14.70
N ILE A 329 -18.37 -7.27 13.55
CA ILE A 329 -19.79 -7.50 13.40
C ILE A 329 -20.08 -8.99 13.61
N ASN A 330 -19.34 -9.85 12.93
CA ASN A 330 -19.53 -11.29 13.04
C ASN A 330 -19.13 -11.87 14.40
N MET A 331 -18.23 -11.21 15.09
CA MET A 331 -17.80 -11.67 16.40
C MET A 331 -18.84 -11.29 17.46
N THR A 332 -19.69 -10.33 17.12
CA THR A 332 -20.73 -9.87 18.04
C THR A 332 -22.14 -10.25 17.60
N GLY A 333 -22.26 -11.37 16.88
CA GLY A 333 -23.56 -11.83 16.43
C GLY A 333 -23.95 -11.48 15.02
N GLY A 334 -23.46 -10.36 14.51
CA GLY A 334 -23.80 -9.94 13.16
C GLY A 334 -23.38 -10.93 12.09
N ASP A 335 -23.76 -10.63 10.85
CA ASP A 335 -23.43 -11.47 9.72
C ASP A 335 -23.08 -10.60 8.52
N ALA A 336 -21.82 -10.19 8.43
CA ALA A 336 -21.36 -9.33 7.35
C ALA A 336 -20.27 -9.98 6.50
N ALA A 337 -20.07 -9.46 5.30
CA ALA A 337 -19.06 -9.96 4.37
C ALA A 337 -18.34 -8.82 3.68
N LEU A 338 -17.06 -9.01 3.38
CA LEU A 338 -16.28 -7.98 2.71
C LEU A 338 -16.35 -8.11 1.20
N ASP A 339 -16.85 -7.06 0.55
CA ASP A 339 -17.00 -7.02 -0.90
C ASP A 339 -15.92 -6.09 -1.46
N LEU A 340 -15.03 -6.65 -2.29
CA LEU A 340 -13.94 -5.85 -2.86
C LEU A 340 -14.11 -5.62 -4.36
N THR A 341 -15.33 -5.82 -4.86
CA THR A 341 -15.63 -5.64 -6.28
C THR A 341 -15.18 -4.29 -6.85
N ALA A 342 -15.57 -3.20 -6.20
CA ALA A 342 -15.19 -1.87 -6.68
C ALA A 342 -14.04 -1.32 -5.87
N MET A 343 -13.11 -2.18 -5.46
CA MET A 343 -11.98 -1.73 -4.67
C MET A 343 -10.94 -0.99 -5.50
N PRO A 344 -10.69 0.29 -5.17
CA PRO A 344 -9.69 1.08 -5.90
C PRO A 344 -8.33 0.87 -5.29
N ALA A 345 -7.29 1.02 -6.10
CA ALA A 345 -5.91 0.86 -5.65
C ALA A 345 -5.16 2.04 -6.25
N VAL A 346 -4.32 2.66 -5.44
CA VAL A 346 -3.56 3.81 -5.91
C VAL A 346 -2.08 3.67 -5.56
N VAL A 347 -1.23 4.10 -6.48
CA VAL A 347 0.22 4.08 -6.27
C VAL A 347 0.61 5.54 -6.35
N PHE A 348 1.18 6.06 -5.27
CA PHE A 348 1.55 7.46 -5.21
C PHE A 348 2.89 7.88 -5.84
N THR A 349 3.09 7.43 -7.08
CA THR A 349 4.27 7.82 -7.85
C THR A 349 3.72 9.02 -8.61
N ASP A 350 4.53 9.61 -9.47
CA ASP A 350 4.07 10.73 -10.29
C ASP A 350 4.55 10.49 -11.72
N PRO A 351 3.60 10.26 -12.65
CA PRO A 351 2.15 10.21 -12.45
C PRO A 351 1.73 9.05 -11.55
N GLN A 352 0.56 9.16 -10.95
CA GLN A 352 0.05 8.12 -10.07
C GLN A 352 -0.53 6.99 -10.91
N VAL A 353 -0.64 5.83 -10.27
CA VAL A 353 -1.23 4.66 -10.92
C VAL A 353 -2.52 4.42 -10.12
N ALA A 354 -3.59 4.08 -10.82
CA ALA A 354 -4.84 3.79 -10.13
C ALA A 354 -5.58 2.73 -10.92
N THR A 355 -6.15 1.76 -10.20
CA THR A 355 -6.91 0.69 -10.83
C THR A 355 -8.14 0.36 -10.02
N VAL A 356 -9.08 -0.32 -10.67
CA VAL A 356 -10.31 -0.76 -10.04
C VAL A 356 -10.96 -1.77 -10.98
N GLY A 357 -11.49 -2.85 -10.41
CA GLY A 357 -12.13 -3.86 -11.24
C GLY A 357 -11.17 -4.73 -12.02
N TYR A 358 -11.66 -5.30 -13.12
CA TYR A 358 -10.87 -6.19 -13.96
C TYR A 358 -9.94 -5.54 -14.98
N SER A 359 -8.81 -6.19 -15.19
CA SER A 359 -7.85 -5.77 -16.20
C SER A 359 -8.27 -6.68 -17.35
N GLU A 360 -7.85 -6.40 -18.57
CA GLU A 360 -8.21 -7.25 -19.70
C GLU A 360 -7.83 -8.72 -19.43
N ALA A 361 -6.58 -8.91 -19.05
CA ALA A 361 -6.05 -10.25 -18.78
C ALA A 361 -6.82 -10.99 -17.69
N GLU A 362 -7.13 -10.30 -16.61
CA GLU A 362 -7.88 -10.90 -15.51
C GLU A 362 -9.24 -11.36 -15.99
N ALA A 363 -9.93 -10.49 -16.72
CA ALA A 363 -11.25 -10.81 -17.23
C ALA A 363 -11.22 -12.05 -18.12
N HIS A 364 -10.23 -12.12 -19.01
CA HIS A 364 -10.08 -13.24 -19.92
C HIS A 364 -9.76 -14.53 -19.18
N HIS A 365 -8.90 -14.41 -18.16
CA HIS A 365 -8.51 -15.55 -17.37
C HIS A 365 -9.74 -16.13 -16.67
N ASP A 366 -10.72 -15.27 -16.38
CA ASP A 366 -11.94 -15.71 -15.73
C ASP A 366 -13.05 -16.00 -16.74
N GLY A 367 -12.67 -16.16 -18.00
CA GLY A 367 -13.65 -16.47 -19.04
C GLY A 367 -14.66 -15.40 -19.39
N ILE A 368 -14.24 -14.14 -19.32
CA ILE A 368 -15.15 -13.03 -19.64
C ILE A 368 -14.73 -12.40 -20.98
N GLU A 369 -15.69 -12.21 -21.87
CA GLU A 369 -15.38 -11.59 -23.15
C GLU A 369 -15.48 -10.08 -22.97
N THR A 370 -14.43 -9.37 -23.35
CA THR A 370 -14.39 -7.92 -23.18
C THR A 370 -13.94 -7.18 -24.41
N ASP A 371 -13.95 -5.87 -24.30
CA ASP A 371 -13.46 -4.95 -25.33
C ASP A 371 -12.80 -3.89 -24.46
N SER A 372 -11.84 -3.17 -25.01
CA SER A 372 -11.14 -2.15 -24.24
C SER A 372 -10.70 -1.00 -25.13
N ARG A 373 -10.44 0.13 -24.48
CA ARG A 373 -9.98 1.33 -25.16
C ARG A 373 -8.94 1.97 -24.25
N THR A 374 -7.81 2.34 -24.83
CA THR A 374 -6.74 2.97 -24.07
C THR A 374 -6.50 4.38 -24.60
N LEU A 375 -6.87 5.37 -23.80
CA LEU A 375 -6.72 6.76 -24.18
C LEU A 375 -5.44 7.34 -23.57
N THR A 376 -4.43 7.55 -24.39
CA THR A 376 -3.18 8.12 -23.92
C THR A 376 -3.45 9.58 -23.53
N LEU A 377 -2.72 10.10 -22.56
CA LEU A 377 -2.95 11.46 -22.11
C LEU A 377 -2.70 12.56 -23.15
N ASP A 378 -2.09 12.24 -24.28
CA ASP A 378 -1.91 13.27 -25.29
C ASP A 378 -3.26 13.56 -25.95
N ASN A 379 -4.29 12.85 -25.48
CA ASN A 379 -5.64 13.05 -25.98
C ASN A 379 -6.55 13.62 -24.88
N VAL A 380 -5.95 14.01 -23.76
CA VAL A 380 -6.72 14.57 -22.65
C VAL A 380 -6.40 16.06 -22.53
N PRO A 381 -7.42 16.92 -22.71
CA PRO A 381 -7.28 18.38 -22.64
C PRO A 381 -6.43 18.89 -21.47
N ARG A 382 -6.69 18.36 -20.27
CA ARG A 382 -5.94 18.77 -19.08
C ARG A 382 -4.44 18.50 -19.22
N ALA A 383 -4.09 17.33 -19.75
CA ALA A 383 -2.71 16.93 -19.94
C ALA A 383 -2.00 17.81 -20.97
N LEU A 384 -2.71 18.16 -22.03
CA LEU A 384 -2.16 19.02 -23.09
C LEU A 384 -1.93 20.42 -22.56
N ALA A 385 -2.86 20.90 -21.73
CA ALA A 385 -2.76 22.22 -21.15
C ALA A 385 -1.61 22.32 -20.14
N ASN A 386 -1.23 21.18 -19.55
CA ASN A 386 -0.13 21.16 -18.59
C ASN A 386 1.19 20.81 -19.28
N PHE A 387 1.13 20.56 -20.57
CA PHE A 387 2.30 20.18 -21.35
C PHE A 387 3.02 18.97 -20.77
N ASP A 388 2.22 18.00 -20.32
CA ASP A 388 2.71 16.76 -19.75
C ASP A 388 1.69 15.70 -20.15
N THR A 389 2.04 14.92 -21.18
CA THR A 389 1.14 13.92 -21.70
C THR A 389 1.49 12.46 -21.41
N ARG A 390 2.36 12.22 -20.44
CA ARG A 390 2.71 10.85 -20.12
C ARG A 390 1.56 10.19 -19.39
N GLY A 391 1.27 8.94 -19.74
CA GLY A 391 0.21 8.25 -19.08
C GLY A 391 -0.96 7.88 -19.99
N PHE A 392 -1.97 7.28 -19.40
CA PHE A 392 -3.13 6.83 -20.15
C PHE A 392 -4.28 6.51 -19.20
N ILE A 393 -5.46 6.33 -19.79
CA ILE A 393 -6.66 5.96 -19.06
C ILE A 393 -7.21 4.79 -19.88
N LYS A 394 -7.25 3.61 -19.28
CA LYS A 394 -7.74 2.42 -19.97
C LYS A 394 -9.05 1.91 -19.39
N LEU A 395 -10.03 1.66 -20.25
CA LEU A 395 -11.33 1.17 -19.82
C LEU A 395 -11.58 -0.24 -20.37
N VAL A 396 -12.11 -1.11 -19.52
CA VAL A 396 -12.41 -2.49 -19.89
C VAL A 396 -13.91 -2.71 -19.69
N ILE A 397 -14.58 -3.25 -20.71
CA ILE A 397 -16.02 -3.51 -20.61
C ILE A 397 -16.36 -4.94 -20.97
N GLU A 398 -17.52 -5.39 -20.51
CA GLU A 398 -18.01 -6.72 -20.82
C GLU A 398 -18.55 -6.53 -22.24
N GLU A 399 -17.95 -7.24 -23.20
CA GLU A 399 -18.32 -7.12 -24.60
C GLU A 399 -19.83 -7.12 -24.88
N GLY A 400 -20.53 -8.10 -24.33
CA GLY A 400 -21.96 -8.21 -24.56
C GLY A 400 -22.84 -7.02 -24.18
N SER A 401 -22.79 -6.62 -22.92
CA SER A 401 -23.61 -5.54 -22.41
C SER A 401 -22.96 -4.15 -22.40
N HIS A 402 -21.66 -4.08 -22.62
CA HIS A 402 -20.92 -2.82 -22.58
C HIS A 402 -20.87 -2.21 -21.18
N ARG A 403 -20.99 -3.05 -20.17
CA ARG A 403 -20.93 -2.59 -18.80
C ARG A 403 -19.45 -2.37 -18.47
N LEU A 404 -19.13 -1.26 -17.82
CA LEU A 404 -17.75 -0.98 -17.45
C LEU A 404 -17.39 -1.93 -16.32
N ILE A 405 -16.31 -2.69 -16.47
CA ILE A 405 -15.93 -3.64 -15.43
C ILE A 405 -14.51 -3.43 -14.92
N GLY A 406 -13.80 -2.48 -15.51
CA GLY A 406 -12.44 -2.22 -15.07
C GLY A 406 -11.82 -0.98 -15.66
N VAL A 407 -10.96 -0.33 -14.88
CA VAL A 407 -10.26 0.86 -15.34
C VAL A 407 -8.85 0.90 -14.76
N GLN A 408 -7.87 1.15 -15.61
CA GLN A 408 -6.48 1.26 -15.17
C GLN A 408 -5.98 2.58 -15.70
N ALA A 409 -5.35 3.36 -14.85
CA ALA A 409 -4.85 4.66 -15.27
C ALA A 409 -3.50 5.02 -14.66
N VAL A 410 -2.69 5.71 -15.46
CA VAL A 410 -1.40 6.19 -15.00
C VAL A 410 -1.44 7.65 -15.44
N ALA A 411 -1.59 8.55 -14.48
CA ALA A 411 -1.68 9.96 -14.78
C ALA A 411 -1.71 10.77 -13.50
N PRO A 412 -1.40 12.07 -13.62
CA PRO A 412 -1.44 12.87 -12.39
C PRO A 412 -2.91 12.84 -11.95
N GLU A 413 -3.15 12.76 -10.65
CA GLU A 413 -4.52 12.73 -10.13
C GLU A 413 -5.27 11.45 -10.46
N ALA A 414 -4.55 10.40 -10.85
CA ALA A 414 -5.19 9.14 -11.18
C ALA A 414 -6.01 8.64 -9.99
N GLY A 415 -5.47 8.84 -8.79
CA GLY A 415 -6.12 8.42 -7.57
C GLY A 415 -7.44 9.12 -7.29
N GLU A 416 -7.62 10.29 -7.89
CA GLU A 416 -8.86 11.05 -7.72
C GLU A 416 -9.91 10.59 -8.73
N LEU A 417 -9.51 10.48 -9.99
CA LEU A 417 -10.42 10.07 -11.05
C LEU A 417 -10.86 8.61 -10.96
N ILE A 418 -10.03 7.76 -10.37
CA ILE A 418 -10.35 6.33 -10.24
C ILE A 418 -11.60 6.11 -9.39
N GLN A 419 -11.89 7.06 -8.50
CA GLN A 419 -13.07 6.92 -7.64
C GLN A 419 -14.36 7.12 -8.44
N THR A 420 -14.30 7.92 -9.50
CA THR A 420 -15.49 8.12 -10.34
C THR A 420 -15.75 6.79 -11.06
N ALA A 421 -14.68 6.15 -11.51
CA ALA A 421 -14.78 4.87 -12.20
C ALA A 421 -15.35 3.81 -11.26
N ALA A 422 -14.83 3.78 -10.03
CA ALA A 422 -15.27 2.82 -9.03
C ALA A 422 -16.78 2.94 -8.81
N LEU A 423 -17.26 4.18 -8.71
CA LEU A 423 -18.67 4.43 -8.50
C LEU A 423 -19.49 3.96 -9.70
N ALA A 424 -18.99 4.22 -10.91
CA ALA A 424 -19.69 3.82 -12.12
C ALA A 424 -19.85 2.29 -12.14
N ILE A 425 -18.77 1.60 -11.79
CA ILE A 425 -18.79 0.13 -11.75
C ILE A 425 -19.76 -0.36 -10.68
N ARG A 426 -19.73 0.30 -9.53
CA ARG A 426 -20.61 -0.06 -8.42
C ARG A 426 -22.07 0.04 -8.89
N ASN A 427 -22.36 1.10 -9.64
CA ASN A 427 -23.71 1.32 -10.15
C ASN A 427 -23.95 0.62 -11.48
N ARG A 428 -23.10 -0.35 -11.79
CA ARG A 428 -23.19 -1.13 -13.03
C ARG A 428 -23.58 -0.28 -14.24
N MET A 429 -22.77 0.73 -14.54
CA MET A 429 -23.04 1.62 -15.67
C MET A 429 -22.34 1.13 -16.94
N THR A 430 -22.95 1.42 -18.09
CA THR A 430 -22.35 1.07 -19.37
C THR A 430 -21.50 2.27 -19.75
N VAL A 431 -20.50 2.08 -20.60
CA VAL A 431 -19.65 3.19 -21.00
C VAL A 431 -20.44 4.28 -21.69
N GLN A 432 -21.52 3.90 -22.37
CA GLN A 432 -22.36 4.88 -23.05
C GLN A 432 -23.03 5.77 -22.03
N GLU A 433 -23.50 5.16 -20.93
CA GLU A 433 -24.15 5.91 -19.87
C GLU A 433 -23.16 6.86 -19.18
N LEU A 434 -21.93 6.40 -19.01
CA LEU A 434 -20.90 7.20 -18.38
C LEU A 434 -20.49 8.37 -19.26
N ALA A 435 -20.33 8.10 -20.56
CA ALA A 435 -19.95 9.14 -21.51
C ALA A 435 -21.06 10.17 -21.66
N ASP A 436 -22.28 9.77 -21.32
CA ASP A 436 -23.45 10.63 -21.42
C ASP A 436 -23.46 11.71 -20.35
N GLN A 437 -22.79 11.45 -19.23
CA GLN A 437 -22.74 12.38 -18.13
C GLN A 437 -21.91 13.61 -18.46
N LEU A 438 -22.25 14.73 -17.83
CA LEU A 438 -21.50 15.97 -18.05
C LEU A 438 -20.28 15.95 -17.13
N PHE A 439 -19.11 16.19 -17.72
CA PHE A 439 -17.85 16.22 -16.97
C PHE A 439 -17.27 17.62 -17.13
N PRO A 440 -16.47 18.07 -16.15
CA PRO A 440 -15.88 19.40 -16.25
C PRO A 440 -14.77 19.34 -17.30
N TYR A 441 -14.69 20.37 -18.15
CA TYR A 441 -13.67 20.42 -19.19
C TYR A 441 -12.34 20.76 -18.53
N LEU A 442 -11.25 20.20 -19.05
CA LEU A 442 -9.92 20.45 -18.52
C LEU A 442 -9.63 19.94 -17.12
N THR A 443 -10.21 18.79 -16.78
CA THR A 443 -9.97 18.12 -15.51
C THR A 443 -9.45 16.76 -15.97
N MET A 444 -8.72 16.06 -15.12
CA MET A 444 -8.19 14.76 -15.51
C MET A 444 -9.32 13.73 -15.60
N VAL A 445 -10.30 13.86 -14.70
CA VAL A 445 -11.42 12.93 -14.68
C VAL A 445 -12.23 12.98 -16.00
N GLU A 446 -12.11 14.08 -16.72
CA GLU A 446 -12.80 14.22 -18.01
C GLU A 446 -12.28 13.13 -18.94
N GLY A 447 -11.05 12.67 -18.67
CA GLY A 447 -10.46 11.62 -19.48
C GLY A 447 -11.30 10.35 -19.49
N LEU A 448 -12.00 10.09 -18.38
CA LEU A 448 -12.85 8.91 -18.28
C LEU A 448 -13.97 8.96 -19.32
N LYS A 449 -14.55 10.16 -19.49
CA LYS A 449 -15.63 10.37 -20.44
C LYS A 449 -15.11 10.22 -21.87
N LEU A 450 -13.98 10.87 -22.15
CA LEU A 450 -13.36 10.82 -23.47
C LEU A 450 -13.01 9.39 -23.88
N ALA A 451 -12.52 8.61 -22.93
CA ALA A 451 -12.16 7.23 -23.19
C ALA A 451 -13.43 6.43 -23.47
N ALA A 452 -14.46 6.68 -22.66
CA ALA A 452 -15.74 6.02 -22.81
C ALA A 452 -16.35 6.27 -24.19
N GLN A 453 -16.16 7.48 -24.70
CA GLN A 453 -16.70 7.88 -26.00
C GLN A 453 -16.06 7.17 -27.19
N THR A 454 -14.84 6.66 -27.01
CA THR A 454 -14.16 5.99 -28.11
C THR A 454 -14.64 4.57 -28.36
N PHE A 455 -15.66 4.14 -27.60
CA PHE A 455 -16.21 2.79 -27.77
C PHE A 455 -17.27 2.78 -28.86
N ASN A 456 -17.66 3.95 -29.34
CA ASN A 456 -18.69 4.05 -30.38
C ASN A 456 -18.10 4.31 -31.76
PA FAD B . -0.57 -3.21 10.84
O1A FAD B . 0.71 -3.54 10.14
O2A FAD B . -1.01 -1.80 10.79
O5B FAD B . -0.39 -3.55 12.35
C5B FAD B . -0.41 -4.84 12.97
C4B FAD B . -0.10 -4.48 14.40
O4B FAD B . -0.08 -5.64 15.28
C3B FAD B . 1.29 -3.78 14.63
O3B FAD B . 1.12 -2.64 15.47
C2B FAD B . 2.13 -4.85 15.21
O2B FAD B . 3.24 -4.52 15.96
C1B FAD B . 1.14 -5.65 16.06
N9A FAD B . 1.46 -7.03 16.33
C8A FAD B . 1.94 -8.05 15.49
N7A FAD B . 2.12 -9.19 16.09
C5A FAD B . 1.74 -8.97 17.42
C6A FAD B . 1.68 -9.78 18.57
N6A FAD B . 2.03 -11.08 18.56
N1A FAD B . 1.24 -9.22 19.77
C2A FAD B . 0.87 -7.92 19.82
N3A FAD B . 0.89 -7.03 18.72
C4A FAD B . 1.36 -7.72 17.55
N1 FAD B . -1.95 1.33 2.34
C2 FAD B . -2.86 2.20 1.75
O2 FAD B . -4.07 1.94 1.71
N3 FAD B . -2.38 3.37 1.18
C4 FAD B . -1.01 3.78 1.15
O4 FAD B . -0.69 4.89 0.61
C4X FAD B . -0.14 2.90 1.76
N5 FAD B . 1.26 3.28 1.77
C5X FAD B . 2.17 2.39 2.41
C6 FAD B . 3.55 2.69 2.47
C7 FAD B . 4.50 1.84 3.12
C7M FAD B . 6.00 2.24 3.15
C8 FAD B . 4.03 0.63 3.73
C8M FAD B . 4.94 -0.35 4.46
C9 FAD B . 2.68 0.30 3.68
C9A FAD B . 1.73 1.13 3.03
N10 FAD B . 0.27 0.84 2.95
C10 FAD B . -0.62 1.69 2.34
C1' FAD B . -0.15 -0.39 3.54
C2' FAD B . -0.83 -0.26 4.85
O2' FAD B . 0.12 0.43 5.71
C3' FAD B . -1.16 -1.56 5.49
O3' FAD B . -1.90 -2.41 4.62
C4' FAD B . -2.01 -1.49 6.76
O4' FAD B . -1.31 -0.60 7.68
C5' FAD B . -2.16 -2.81 7.42
O5' FAD B . -2.96 -2.69 8.60
P FAD B . -3.16 -3.89 9.58
O1P FAD B . -4.03 -3.40 10.64
O2P FAD B . -3.59 -5.11 8.84
O3P FAD B . -1.64 -4.12 10.09
#